data_6R05
#
_entry.id   6R05
#
_cell.length_a   58.106
_cell.length_b   58.106
_cell.length_c   396.688
_cell.angle_alpha   90.000
_cell.angle_beta   90.000
_cell.angle_gamma   120.000
#
_symmetry.space_group_name_H-M   'P 61 2 2'
#
loop_
_entity.id
_entity.type
_entity.pdbx_description
1 polymer 'Farnesyl diphosphate synthase'
2 non-polymer 6-methyl-~{N}-(phenylmethyl)pyridin-2-amine
3 non-polymer 'SULFATE ION'
4 non-polymer 'DIMETHYL SULFOXIDE'
5 non-polymer 'ACETATE ION'
6 non-polymer 'ZINC ION'
7 water water
#
_entity_poly.entity_id   1
_entity_poly.type   'polypeptide(L)'
_entity_poly.pdbx_seq_one_letter_code
;GPMASMERFLSVYDEVQAFLLDQLQSKYEIDPNRARYLRIMMDTTCLGGKYFRGMTVVNVAEGFLAVTQHDEATKERILH
DACVGGWMIEFLQAHYLVEDDIMDGSVMRRGKPCWYRFPGVTTQCAINDGIILKSWTQIMAWHYFADRPFLKDLLCLFQK
VDYATAVGQMYDVTSMCDSNKLDPEVAQPMTTDFAEFTPAIYKRIVKYKTTFYTYLLPLVMGLLVSEAAASVEMNLVERV
AHLIGEYFQVQDDVMDCFTPPEQLGKVGTDIEDAKCSWLAVTFLGKANAAQVAEFKANYGEKDPAKVAVVKRLYSKANLQ
ADFAAYEAEVVREVESLIEQLKVKSPTFAESVAVVWEKTHKRKK
;
_entity_poly.pdbx_strand_id   A
#
# COMPACT_ATOMS: atom_id res chain seq x y z
N ALA A 4 -16.55 8.86 -17.99
CA ALA A 4 -16.44 7.95 -16.85
C ALA A 4 -15.10 8.14 -16.15
N SER A 5 -15.10 7.98 -14.82
CA SER A 5 -13.97 8.17 -13.92
C SER A 5 -12.70 7.45 -14.31
N MET A 6 -12.77 6.12 -14.60
CA MET A 6 -11.57 5.34 -14.94
C MET A 6 -10.93 5.86 -16.22
N GLU A 7 -11.76 6.18 -17.23
CA GLU A 7 -11.25 6.70 -18.50
C GLU A 7 -10.57 8.03 -18.30
N ARG A 8 -11.15 8.89 -17.47
CA ARG A 8 -10.57 10.19 -17.18
C ARG A 8 -9.22 10.00 -16.48
N PHE A 9 -9.17 9.09 -15.50
CA PHE A 9 -7.97 8.75 -14.75
C PHE A 9 -6.83 8.26 -15.66
N LEU A 10 -7.12 7.28 -16.54
CA LEU A 10 -6.11 6.74 -17.47
C LEU A 10 -5.62 7.77 -18.47
N SER A 11 -6.54 8.68 -18.93
CA SER A 11 -6.19 9.76 -19.85
C SER A 11 -5.22 10.72 -19.18
N VAL A 12 -5.43 10.97 -17.86
CA VAL A 12 -4.54 11.87 -17.12
C VAL A 12 -3.14 11.24 -17.00
N TYR A 13 -3.05 9.89 -16.89
CA TYR A 13 -1.72 9.22 -16.90
C TYR A 13 -0.95 9.59 -18.16
N ASP A 14 -1.56 9.39 -19.34
CA ASP A 14 -0.94 9.72 -20.63
C ASP A 14 -0.48 11.18 -20.66
N GLU A 15 -1.31 12.10 -20.12
CA GLU A 15 -0.97 13.53 -20.10
C GLU A 15 0.22 13.81 -19.18
N VAL A 16 0.19 13.25 -17.95
CA VAL A 16 1.28 13.41 -16.98
C VAL A 16 2.57 12.80 -17.53
N GLN A 17 2.51 11.58 -18.11
CA GLN A 17 3.70 10.98 -18.72
C GLN A 17 4.29 11.91 -19.80
N ALA A 18 3.43 12.41 -20.71
CA ALA A 18 3.88 13.31 -21.79
C ALA A 18 4.56 14.54 -21.19
N PHE A 19 3.94 15.15 -20.15
CA PHE A 19 4.50 16.31 -19.45
C PHE A 19 5.91 16.00 -18.88
N LEU A 20 6.04 14.90 -18.14
CA LEU A 20 7.32 14.53 -17.51
C LEU A 20 8.38 14.25 -18.54
N LEU A 21 8.06 13.46 -19.58
CA LEU A 21 9.08 13.16 -20.61
C LEU A 21 9.45 14.40 -21.44
N ASP A 22 8.47 15.29 -21.72
CA ASP A 22 8.73 16.52 -22.48
C ASP A 22 9.62 17.46 -21.67
N GLN A 23 9.39 17.56 -20.34
CA GLN A 23 10.22 18.35 -19.44
C GLN A 23 11.66 17.80 -19.36
N LEU A 24 11.83 16.47 -19.38
CA LEU A 24 13.18 15.92 -19.35
C LEU A 24 13.93 16.33 -20.60
N GLN A 25 13.22 16.40 -21.74
CA GLN A 25 13.79 16.81 -23.01
C GLN A 25 14.08 18.31 -23.02
N SER A 26 13.12 19.13 -22.59
CA SER A 26 13.29 20.58 -22.68
C SER A 26 14.19 21.19 -21.61
N LYS A 27 14.22 20.61 -20.39
CA LYS A 27 14.96 21.19 -19.27
C LYS A 27 16.07 20.33 -18.66
N TYR A 28 16.08 19.02 -18.91
CA TYR A 28 17.06 18.15 -18.26
C TYR A 28 18.05 17.54 -19.23
N GLU A 29 18.03 17.99 -20.50
CA GLU A 29 18.97 17.57 -21.53
C GLU A 29 18.92 16.08 -21.88
N ILE A 30 17.75 15.42 -21.69
CA ILE A 30 17.67 13.99 -21.99
C ILE A 30 17.69 13.72 -23.50
N ASP A 31 18.20 12.55 -23.86
CA ASP A 31 18.26 12.04 -25.24
C ASP A 31 17.08 11.06 -25.45
N PRO A 32 16.65 10.81 -26.72
CA PRO A 32 15.45 9.97 -26.94
C PRO A 32 15.49 8.55 -26.38
N ASN A 33 16.65 7.89 -26.40
CA ASN A 33 16.78 6.53 -25.90
C ASN A 33 16.62 6.46 -24.38
N ARG A 34 17.13 7.49 -23.64
CA ARG A 34 16.94 7.51 -22.17
C ARG A 34 15.50 7.89 -21.83
N ALA A 35 14.88 8.78 -22.64
CA ALA A 35 13.47 9.16 -22.45
C ALA A 35 12.61 7.92 -22.66
N ARG A 36 12.94 7.10 -23.70
CA ARG A 36 12.21 5.84 -23.99
C ARG A 36 12.38 4.86 -22.80
N TYR A 37 13.63 4.72 -22.27
CA TYR A 37 13.87 3.81 -21.13
C TYR A 37 12.96 4.22 -19.98
N LEU A 38 12.92 5.53 -19.67
CA LEU A 38 12.11 6.05 -18.54
C LEU A 38 10.60 5.90 -18.79
N ARG A 39 10.16 6.03 -20.06
CA ARG A 39 8.76 5.81 -20.45
C ARG A 39 8.38 4.35 -20.16
N ILE A 40 9.22 3.39 -20.57
CA ILE A 40 8.97 1.97 -20.33
C ILE A 40 9.01 1.67 -18.83
N MET A 41 9.95 2.32 -18.11
CA MET A 41 10.05 2.11 -16.66
C MET A 41 8.76 2.57 -15.99
N MET A 42 8.30 3.78 -16.34
CA MET A 42 7.07 4.33 -15.81
C MET A 42 5.90 3.38 -16.08
N ASP A 43 5.71 2.96 -17.35
CA ASP A 43 4.63 2.04 -17.69
C ASP A 43 4.69 0.71 -16.97
N THR A 44 5.91 0.13 -16.88
CA THR A 44 6.02 -1.21 -16.27
C THR A 44 5.75 -1.20 -14.76
N THR A 45 6.18 -0.12 -14.08
CA THR A 45 6.11 -0.01 -12.62
C THR A 45 4.82 0.58 -12.11
N CYS A 46 4.15 1.41 -12.96
CA CYS A 46 2.94 2.14 -12.54
C CYS A 46 1.61 1.55 -13.04
N LEU A 47 1.64 0.85 -14.17
CA LEU A 47 0.44 0.29 -14.80
C LEU A 47 0.25 -1.20 -14.57
N GLY A 48 -1.00 -1.66 -14.67
CA GLY A 48 -1.29 -3.08 -14.56
C GLY A 48 -2.10 -3.49 -13.34
N GLY A 49 -2.20 -2.60 -12.37
CA GLY A 49 -2.97 -2.85 -11.16
C GLY A 49 -4.42 -2.48 -11.37
N LYS A 50 -5.18 -2.41 -10.27
CA LYS A 50 -6.60 -2.07 -10.28
C LYS A 50 -6.78 -0.55 -10.09
N TYR A 51 -5.71 0.16 -9.70
CA TYR A 51 -5.70 1.60 -9.43
C TYR A 51 -6.64 1.95 -8.29
N PHE A 52 -6.77 1.06 -7.30
CA PHE A 52 -7.65 1.28 -6.16
C PHE A 52 -7.32 2.59 -5.44
N ARG A 53 -6.03 2.84 -5.20
CA ARG A 53 -5.56 4.00 -4.45
C ARG A 53 -5.87 5.30 -5.17
N GLY A 54 -5.43 5.40 -6.43
CA GLY A 54 -5.67 6.61 -7.22
C GLY A 54 -7.15 6.87 -7.47
N MET A 55 -7.89 5.81 -7.79
CA MET A 55 -9.34 5.90 -8.04
C MET A 55 -10.14 6.27 -6.79
N THR A 56 -9.63 5.93 -5.59
CA THR A 56 -10.30 6.35 -4.35
C THR A 56 -10.33 7.90 -4.26
N VAL A 57 -9.24 8.58 -4.66
CA VAL A 57 -9.19 10.05 -4.65
C VAL A 57 -10.31 10.60 -5.56
N VAL A 58 -10.39 10.05 -6.78
CA VAL A 58 -11.39 10.44 -7.78
C VAL A 58 -12.81 10.17 -7.24
N ASN A 59 -13.03 9.01 -6.64
CA ASN A 59 -14.33 8.65 -6.11
C ASN A 59 -14.78 9.58 -4.99
N VAL A 60 -13.85 9.96 -4.06
CA VAL A 60 -14.15 10.90 -2.97
C VAL A 60 -14.56 12.23 -3.62
N ALA A 61 -13.74 12.72 -4.58
CA ALA A 61 -14.04 13.99 -5.26
C ALA A 61 -15.41 13.94 -5.98
N GLU A 62 -15.71 12.84 -6.69
CA GLU A 62 -17.01 12.66 -7.36
C GLU A 62 -18.19 12.74 -6.42
N GLY A 63 -18.04 12.16 -5.22
CA GLY A 63 -19.10 12.22 -4.21
C GLY A 63 -19.43 13.67 -3.89
N PHE A 64 -18.40 14.49 -3.60
CA PHE A 64 -18.61 15.91 -3.26
C PHE A 64 -19.14 16.72 -4.43
N LEU A 65 -18.73 16.39 -5.68
CA LEU A 65 -19.26 17.13 -6.84
C LEU A 65 -20.77 16.94 -7.03
N ALA A 66 -21.31 15.77 -6.65
CA ALA A 66 -22.75 15.52 -6.80
C ALA A 66 -23.61 16.34 -5.84
N VAL A 67 -23.01 16.83 -4.75
CA VAL A 67 -23.77 17.58 -3.71
C VAL A 67 -23.33 19.05 -3.56
N THR A 68 -22.38 19.49 -4.40
CA THR A 68 -21.85 20.86 -4.30
C THR A 68 -22.12 21.67 -5.57
N GLN A 69 -22.46 22.98 -5.43
CA GLN A 69 -22.74 23.88 -6.56
C GLN A 69 -21.44 24.39 -7.15
N HIS A 70 -21.19 24.07 -8.43
CA HIS A 70 -19.97 24.49 -9.12
C HIS A 70 -20.29 24.73 -10.58
N ASP A 71 -19.52 25.63 -11.21
CA ASP A 71 -19.55 25.82 -12.66
C ASP A 71 -18.99 24.51 -13.27
N GLU A 72 -19.39 24.20 -14.51
CA GLU A 72 -18.91 22.98 -15.20
C GLU A 72 -17.37 22.91 -15.28
N ALA A 73 -16.71 24.05 -15.60
CA ALA A 73 -15.25 24.15 -15.66
C ALA A 73 -14.58 23.84 -14.31
N THR A 74 -15.23 24.22 -13.19
CA THR A 74 -14.71 23.93 -11.85
C THR A 74 -14.82 22.44 -11.59
N LYS A 75 -15.96 21.80 -11.96
CA LYS A 75 -16.13 20.34 -11.79
C LYS A 75 -15.00 19.63 -12.57
N GLU A 76 -14.75 20.03 -13.83
CA GLU A 76 -13.68 19.44 -14.64
C GLU A 76 -12.32 19.63 -13.99
N ARG A 77 -12.04 20.84 -13.44
CA ARG A 77 -10.77 21.11 -12.77
C ARG A 77 -10.56 20.23 -11.53
N ILE A 78 -11.62 20.10 -10.69
CA ILE A 78 -11.52 19.30 -9.45
C ILE A 78 -11.26 17.85 -9.81
N LEU A 79 -11.97 17.33 -10.83
CA LEU A 79 -11.77 15.94 -11.26
C LEU A 79 -10.36 15.76 -11.83
N HIS A 80 -9.87 16.75 -12.61
CA HIS A 80 -8.48 16.70 -13.14
C HIS A 80 -7.48 16.64 -11.97
N ASP A 81 -7.62 17.54 -10.96
CA ASP A 81 -6.76 17.53 -9.75
C ASP A 81 -6.85 16.23 -8.98
N ALA A 82 -8.06 15.65 -8.87
CA ALA A 82 -8.22 14.36 -8.18
C ALA A 82 -7.44 13.26 -8.95
N CYS A 83 -7.46 13.30 -10.31
CA CYS A 83 -6.68 12.34 -11.13
C CYS A 83 -5.17 12.50 -10.95
N VAL A 84 -4.67 13.76 -10.96
CA VAL A 84 -3.24 14.01 -10.75
C VAL A 84 -2.85 13.53 -9.33
N GLY A 85 -3.66 13.88 -8.32
CA GLY A 85 -3.44 13.45 -6.94
C GLY A 85 -3.41 11.93 -6.80
N GLY A 86 -4.36 11.27 -7.45
CA GLY A 86 -4.42 9.80 -7.49
C GLY A 86 -3.16 9.21 -8.10
N TRP A 87 -2.66 9.83 -9.20
CA TRP A 87 -1.40 9.34 -9.81
C TRP A 87 -0.20 9.55 -8.90
N MET A 88 -0.19 10.65 -8.10
CA MET A 88 0.89 10.83 -7.14
C MET A 88 0.92 9.61 -6.24
N ILE A 89 -0.26 9.13 -5.78
CA ILE A 89 -0.27 7.99 -4.88
C ILE A 89 0.19 6.72 -5.60
N GLU A 90 -0.26 6.50 -6.85
CA GLU A 90 0.13 5.33 -7.63
C GLU A 90 1.65 5.31 -7.87
N PHE A 91 2.27 6.49 -8.09
CA PHE A 91 3.73 6.58 -8.31
C PHE A 91 4.48 6.37 -6.99
N LEU A 92 3.87 6.84 -5.89
CA LEU A 92 4.44 6.58 -4.56
C LEU A 92 4.47 5.09 -4.31
N GLN A 93 3.35 4.38 -4.57
CA GLN A 93 3.32 2.92 -4.40
C GLN A 93 4.40 2.28 -5.33
N ALA A 94 4.44 2.70 -6.61
CA ALA A 94 5.45 2.18 -7.57
C ALA A 94 6.91 2.27 -7.01
N HIS A 95 7.27 3.41 -6.40
CA HIS A 95 8.56 3.64 -5.72
C HIS A 95 8.77 2.52 -4.67
N TYR A 96 7.82 2.37 -3.74
CA TYR A 96 7.95 1.40 -2.67
C TYR A 96 7.98 -0.04 -3.15
N LEU A 97 7.20 -0.39 -4.22
CA LEU A 97 7.21 -1.78 -4.69
C LEU A 97 8.53 -2.10 -5.40
N VAL A 98 9.05 -1.14 -6.19
CA VAL A 98 10.34 -1.31 -6.85
C VAL A 98 11.43 -1.54 -5.79
N GLU A 99 11.52 -0.65 -4.77
CA GLU A 99 12.57 -0.74 -3.74
C GLU A 99 12.39 -1.97 -2.85
N ASP A 100 11.14 -2.27 -2.47
CA ASP A 100 10.84 -3.45 -1.68
C ASP A 100 11.22 -4.76 -2.37
N ASP A 101 10.93 -4.88 -3.68
CA ASP A 101 11.29 -6.10 -4.42
C ASP A 101 12.78 -6.31 -4.48
N ILE A 102 13.54 -5.20 -4.60
CA ILE A 102 15.01 -5.28 -4.55
C ILE A 102 15.47 -5.71 -3.15
N MET A 103 14.98 -5.02 -2.12
CA MET A 103 15.32 -5.30 -0.73
C MET A 103 15.10 -6.76 -0.36
N ASP A 104 13.96 -7.31 -0.82
CA ASP A 104 13.52 -8.66 -0.45
C ASP A 104 13.98 -9.75 -1.41
N GLY A 105 14.59 -9.35 -2.53
CA GLY A 105 15.09 -10.25 -3.58
C GLY A 105 13.94 -11.04 -4.17
N SER A 106 12.80 -10.36 -4.33
CA SER A 106 11.57 -10.94 -4.86
C SER A 106 11.72 -11.27 -6.32
N VAL A 107 10.95 -12.26 -6.77
CA VAL A 107 11.04 -12.76 -8.15
C VAL A 107 9.92 -12.20 -9.03
N MET A 108 8.68 -12.22 -8.52
N MET A 108 8.69 -12.18 -8.52
CA MET A 108 7.50 -11.78 -9.26
CA MET A 108 7.52 -11.75 -9.27
C MET A 108 6.67 -10.79 -8.47
C MET A 108 6.67 -10.79 -8.47
N ARG A 109 5.90 -9.97 -9.17
CA ARG A 109 4.99 -8.97 -8.61
C ARG A 109 3.81 -8.94 -9.60
N ARG A 110 2.63 -9.44 -9.14
CA ARG A 110 1.37 -9.53 -9.93
C ARG A 110 1.55 -10.16 -11.33
N GLY A 111 2.04 -11.38 -11.35
CA GLY A 111 2.25 -12.19 -12.55
C GLY A 111 3.31 -11.70 -13.53
N LYS A 112 4.10 -10.67 -13.14
CA LYS A 112 5.18 -10.12 -13.97
C LYS A 112 6.51 -10.15 -13.19
N PRO A 113 7.68 -10.35 -13.84
CA PRO A 113 8.95 -10.29 -13.09
C PRO A 113 9.12 -8.91 -12.45
N CYS A 114 9.76 -8.87 -11.28
CA CYS A 114 10.05 -7.59 -10.61
C CYS A 114 10.93 -6.74 -11.53
N TRP A 115 10.72 -5.43 -11.51
CA TRP A 115 11.45 -4.50 -12.37
C TRP A 115 12.97 -4.72 -12.42
N TYR A 116 13.59 -4.87 -11.22
CA TYR A 116 15.04 -5.01 -11.16
C TYR A 116 15.59 -6.23 -11.91
N ARG A 117 14.73 -7.24 -12.11
CA ARG A 117 15.09 -8.48 -12.80
C ARG A 117 15.11 -8.37 -14.32
N PHE A 118 14.52 -7.28 -14.88
CA PHE A 118 14.54 -7.06 -16.32
C PHE A 118 16.03 -7.04 -16.81
N PRO A 119 16.37 -7.77 -17.90
CA PRO A 119 17.80 -7.89 -18.29
C PRO A 119 18.58 -6.59 -18.46
N GLY A 120 17.92 -5.58 -19.03
CA GLY A 120 18.51 -4.26 -19.28
C GLY A 120 18.28 -3.25 -18.18
N VAL A 121 17.89 -3.74 -16.99
CA VAL A 121 17.64 -2.85 -15.84
C VAL A 121 18.76 -3.10 -14.84
N THR A 122 18.69 -4.23 -14.10
CA THR A 122 19.61 -4.64 -13.03
C THR A 122 19.36 -3.79 -11.78
N THR A 123 19.85 -4.27 -10.62
CA THR A 123 19.69 -3.56 -9.35
C THR A 123 20.32 -2.15 -9.42
N GLN A 124 21.49 -2.02 -10.08
CA GLN A 124 22.15 -0.71 -10.17
C GLN A 124 21.22 0.38 -10.71
N CYS A 125 20.47 0.07 -11.78
CA CYS A 125 19.54 1.03 -12.34
C CYS A 125 18.25 1.06 -11.54
N ALA A 126 17.71 -0.13 -11.17
CA ALA A 126 16.42 -0.16 -10.51
C ALA A 126 16.34 0.65 -9.21
N ILE A 127 17.41 0.68 -8.38
CA ILE A 127 17.36 1.46 -7.12
C ILE A 127 17.13 2.94 -7.49
N ASN A 128 17.85 3.43 -8.53
CA ASN A 128 17.70 4.80 -8.95
C ASN A 128 16.36 5.05 -9.65
N ASP A 129 15.88 4.06 -10.44
CA ASP A 129 14.56 4.22 -11.09
C ASP A 129 13.46 4.43 -10.03
N GLY A 130 13.53 3.67 -8.92
CA GLY A 130 12.60 3.79 -7.81
C GLY A 130 12.65 5.20 -7.23
N ILE A 131 13.88 5.74 -7.08
CA ILE A 131 14.08 7.12 -6.61
C ILE A 131 13.38 8.12 -7.56
N ILE A 132 13.54 7.93 -8.89
CA ILE A 132 12.89 8.79 -9.88
C ILE A 132 11.36 8.74 -9.76
N LEU A 133 10.83 7.51 -9.56
CA LEU A 133 9.37 7.38 -9.40
C LEU A 133 8.84 8.29 -8.31
N LYS A 134 9.51 8.33 -7.14
CA LYS A 134 9.00 9.20 -6.10
C LYS A 134 9.28 10.66 -6.42
N SER A 135 10.42 10.99 -7.10
CA SER A 135 10.66 12.40 -7.44
C SER A 135 9.56 12.92 -8.36
N TRP A 136 9.09 12.08 -9.28
CA TRP A 136 8.02 12.45 -10.21
C TRP A 136 6.74 12.85 -9.49
N THR A 137 6.45 12.26 -8.28
CA THR A 137 5.23 12.63 -7.52
C THR A 137 5.28 14.11 -7.20
N GLN A 138 6.50 14.61 -6.89
CA GLN A 138 6.64 16.02 -6.52
C GLN A 138 6.64 16.91 -7.72
N ILE A 139 7.22 16.45 -8.84
CA ILE A 139 7.24 17.23 -10.07
C ILE A 139 5.78 17.51 -10.50
N MET A 140 4.93 16.46 -10.45
CA MET A 140 3.49 16.50 -10.75
C MET A 140 2.79 17.56 -9.86
N ALA A 141 2.98 17.47 -8.53
CA ALA A 141 2.31 18.37 -7.60
C ALA A 141 2.68 19.84 -7.87
N TRP A 142 3.98 20.12 -8.00
CA TRP A 142 4.42 21.50 -8.23
C TRP A 142 3.95 22.07 -9.58
N HIS A 143 3.86 21.22 -10.61
CA HIS A 143 3.38 21.69 -11.91
C HIS A 143 1.87 21.91 -11.93
N TYR A 144 1.08 20.86 -11.60
CA TYR A 144 -0.37 20.94 -11.68
C TYR A 144 -1.05 21.73 -10.56
N PHE A 145 -0.45 21.73 -9.38
CA PHE A 145 -1.08 22.38 -8.20
C PHE A 145 -0.42 23.69 -7.78
N ALA A 146 0.47 24.24 -8.60
CA ALA A 146 1.22 25.46 -8.31
C ALA A 146 0.37 26.60 -7.70
N ASP A 147 -0.82 26.84 -8.24
CA ASP A 147 -1.60 27.96 -7.70
C ASP A 147 -2.81 27.52 -6.87
N ARG A 148 -2.82 26.25 -6.43
CA ARG A 148 -3.93 25.70 -5.69
C ARG A 148 -3.90 26.03 -4.22
N PRO A 149 -5.07 26.34 -3.61
CA PRO A 149 -5.08 26.66 -2.19
C PRO A 149 -4.64 25.51 -1.30
N PHE A 150 -4.85 24.26 -1.75
CA PHE A 150 -4.53 23.03 -1.01
C PHE A 150 -3.06 22.54 -1.19
N LEU A 151 -2.23 23.23 -1.97
CA LEU A 151 -0.84 22.78 -2.22
C LEU A 151 -0.05 22.49 -0.93
N LYS A 152 0.00 23.46 -0.01
CA LYS A 152 0.75 23.32 1.24
C LYS A 152 0.24 22.09 2.05
N ASP A 153 -1.10 21.98 2.25
CA ASP A 153 -1.66 20.85 3.00
C ASP A 153 -1.42 19.51 2.31
N LEU A 154 -1.57 19.49 0.96
CA LEU A 154 -1.34 18.28 0.17
C LEU A 154 0.13 17.81 0.27
N LEU A 155 1.10 18.73 0.06
CA LEU A 155 2.53 18.33 0.16
C LEU A 155 2.89 17.87 1.58
N CYS A 156 2.38 18.57 2.62
CA CYS A 156 2.70 18.21 4.01
C CYS A 156 2.14 16.81 4.35
N LEU A 157 0.87 16.56 3.97
CA LEU A 157 0.25 15.24 4.18
C LEU A 157 1.05 14.13 3.45
N PHE A 158 1.33 14.38 2.16
CA PHE A 158 2.04 13.42 1.31
C PHE A 158 3.39 13.04 1.90
N GLN A 159 4.12 14.03 2.40
CA GLN A 159 5.43 13.84 3.05
C GLN A 159 5.29 12.97 4.31
N LYS A 160 4.29 13.30 5.16
CA LYS A 160 4.11 12.53 6.41
C LYS A 160 3.81 11.06 6.14
N VAL A 161 2.97 10.81 5.13
CA VAL A 161 2.57 9.48 4.71
C VAL A 161 3.77 8.72 4.13
N ASP A 162 4.56 9.38 3.25
CA ASP A 162 5.76 8.81 2.69
C ASP A 162 6.72 8.38 3.81
N TYR A 163 6.93 9.24 4.80
CA TYR A 163 7.81 8.96 5.95
C TYR A 163 7.28 7.81 6.79
N ALA A 164 5.97 7.85 7.12
CA ALA A 164 5.34 6.76 7.89
C ALA A 164 5.55 5.42 7.16
N THR A 165 5.47 5.42 5.81
CA THR A 165 5.62 4.21 5.02
C THR A 165 7.05 3.63 5.13
N ALA A 166 8.07 4.53 5.07
CA ALA A 166 9.48 4.12 5.19
C ALA A 166 9.70 3.57 6.60
N VAL A 167 9.09 4.21 7.63
CA VAL A 167 9.18 3.70 9.00
C VAL A 167 8.54 2.29 9.09
N GLY A 168 7.38 2.12 8.44
CA GLY A 168 6.69 0.84 8.38
C GLY A 168 7.54 -0.23 7.71
N GLN A 169 8.26 0.12 6.64
CA GLN A 169 9.17 -0.81 5.97
C GLN A 169 10.27 -1.25 6.97
N MET A 170 10.77 -0.29 7.77
CA MET A 170 11.77 -0.60 8.82
C MET A 170 11.13 -1.60 9.81
N TYR A 171 9.87 -1.33 10.27
CA TYR A 171 9.22 -2.25 11.21
C TYR A 171 9.09 -3.66 10.62
N ASP A 172 8.79 -3.73 9.32
CA ASP A 172 8.60 -5.00 8.62
C ASP A 172 9.88 -5.79 8.41
N VAL A 173 10.93 -5.13 7.90
CA VAL A 173 12.18 -5.86 7.62
C VAL A 173 12.84 -6.35 8.91
N THR A 174 12.57 -5.68 10.06
CA THR A 174 13.18 -6.10 11.35
C THR A 174 12.20 -6.92 12.22
N SER A 175 11.04 -7.31 11.66
CA SER A 175 9.98 -7.98 12.43
C SER A 175 10.34 -9.37 12.96
N MET A 176 11.35 -10.04 12.37
CA MET A 176 11.78 -11.38 12.80
C MET A 176 13.08 -11.37 13.62
N CYS A 177 13.54 -10.18 13.99
CA CYS A 177 14.71 -9.92 14.85
C CYS A 177 14.20 -9.76 16.26
N ASP A 178 15.06 -10.02 17.26
CA ASP A 178 14.73 -9.67 18.63
C ASP A 178 15.12 -8.21 18.77
N SER A 179 14.19 -7.35 19.22
CA SER A 179 14.42 -5.90 19.35
C SER A 179 15.66 -5.55 20.14
N ASN A 180 15.89 -6.26 21.28
CA ASN A 180 17.00 -6.07 22.20
C ASN A 180 18.37 -6.35 21.58
N LYS A 181 18.40 -7.07 20.45
CA LYS A 181 19.62 -7.41 19.74
C LYS A 181 19.93 -6.50 18.51
N LEU A 182 19.00 -5.63 18.10
CA LEU A 182 19.21 -4.74 16.93
C LEU A 182 20.46 -3.90 17.15
N ASP A 183 21.40 -4.00 16.19
CA ASP A 183 22.70 -3.32 16.27
C ASP A 183 23.35 -3.36 14.89
N PRO A 184 23.62 -2.17 14.29
CA PRO A 184 24.26 -2.14 12.97
C PRO A 184 25.60 -2.88 12.93
N GLU A 185 26.28 -3.01 14.08
CA GLU A 185 27.58 -3.67 14.18
C GLU A 185 27.51 -5.22 14.28
N VAL A 186 26.34 -5.79 14.57
CA VAL A 186 26.20 -7.24 14.78
C VAL A 186 25.21 -7.86 13.80
N ALA A 187 25.63 -8.95 13.09
CA ALA A 187 24.73 -9.64 12.17
C ALA A 187 23.51 -10.14 12.96
N GLN A 188 22.32 -9.93 12.41
CA GLN A 188 21.09 -10.22 13.13
C GLN A 188 20.59 -11.65 13.01
N PRO A 189 20.52 -12.36 14.15
CA PRO A 189 19.92 -13.69 14.10
C PRO A 189 18.38 -13.56 14.10
N MET A 190 17.70 -14.52 13.52
CA MET A 190 16.25 -14.60 13.57
C MET A 190 15.86 -14.93 15.05
N THR A 191 14.70 -14.43 15.50
CA THR A 191 14.18 -14.69 16.86
C THR A 191 14.03 -16.19 17.06
N THR A 192 14.24 -16.67 18.31
CA THR A 192 14.02 -18.06 18.65
C THR A 192 12.75 -18.17 19.50
N ASP A 193 12.40 -17.11 20.25
CA ASP A 193 11.22 -17.14 21.14
C ASP A 193 9.92 -16.67 20.49
N PHE A 194 10.00 -15.91 19.36
CA PHE A 194 8.83 -15.33 18.69
C PHE A 194 7.96 -14.50 19.65
N ALA A 195 8.59 -13.94 20.71
CA ALA A 195 7.87 -13.14 21.71
C ALA A 195 7.29 -11.86 21.10
N GLU A 196 7.89 -11.36 20.00
CA GLU A 196 7.41 -10.14 19.39
C GLU A 196 6.39 -10.41 18.29
N PHE A 197 5.91 -11.67 18.19
CA PHE A 197 4.84 -12.01 17.25
C PHE A 197 3.53 -11.86 18.06
N THR A 198 3.12 -10.60 18.30
CA THR A 198 1.93 -10.27 19.07
C THR A 198 0.99 -9.44 18.21
N PRO A 199 -0.33 -9.45 18.53
CA PRO A 199 -1.29 -8.64 17.77
C PRO A 199 -0.92 -7.16 17.73
N ALA A 200 -0.47 -6.57 18.87
CA ALA A 200 -0.07 -5.14 18.91
C ALA A 200 1.13 -4.83 18.01
N ILE A 201 2.12 -5.72 17.97
CA ILE A 201 3.32 -5.51 17.14
C ILE A 201 2.97 -5.69 15.65
N TYR A 202 2.11 -6.68 15.35
CA TYR A 202 1.62 -6.90 13.99
C TYR A 202 0.86 -5.64 13.52
N LYS A 203 -0.07 -5.15 14.34
CA LYS A 203 -0.87 -3.96 14.03
C LYS A 203 0.00 -2.74 13.74
N ARG A 204 1.12 -2.56 14.48
CA ARG A 204 2.06 -1.44 14.27
C ARG A 204 2.72 -1.57 12.90
N ILE A 205 3.24 -2.79 12.53
CA ILE A 205 3.83 -2.97 11.19
C ILE A 205 2.82 -2.54 10.12
N VAL A 206 1.59 -3.09 10.18
CA VAL A 206 0.59 -2.84 9.13
C VAL A 206 0.14 -1.37 9.02
N LYS A 207 -0.13 -0.72 10.16
CA LYS A 207 -0.53 0.68 10.19
C LYS A 207 0.44 1.56 9.41
N TYR A 208 1.75 1.38 9.67
CA TYR A 208 2.77 2.19 9.02
C TYR A 208 3.14 1.71 7.62
N LYS A 209 3.32 0.39 7.40
CA LYS A 209 3.79 -0.06 6.09
C LYS A 209 2.74 0.05 4.98
N THR A 210 1.46 -0.15 5.35
CA THR A 210 0.39 -0.27 4.37
C THR A 210 -0.76 0.74 4.52
N THR A 211 -1.30 0.90 5.75
CA THR A 211 -2.50 1.70 5.93
C THR A 211 -2.38 3.16 5.53
N PHE A 212 -1.31 3.87 5.96
CA PHE A 212 -1.22 5.30 5.67
C PHE A 212 -1.25 5.58 4.16
N TYR A 213 -0.47 4.82 3.34
CA TYR A 213 -0.47 5.14 1.90
C TYR A 213 -1.64 4.50 1.13
N THR A 214 -2.22 3.40 1.64
CA THR A 214 -3.26 2.70 0.90
C THR A 214 -4.64 3.24 1.18
N TYR A 215 -4.92 3.64 2.44
CA TYR A 215 -6.26 4.11 2.79
C TYR A 215 -6.31 5.54 3.27
N LEU A 216 -5.46 5.93 4.23
CA LEU A 216 -5.50 7.31 4.72
C LEU A 216 -5.21 8.32 3.61
N LEU A 217 -4.07 8.20 2.93
CA LEU A 217 -3.67 9.18 1.91
C LEU A 217 -4.73 9.35 0.80
N PRO A 218 -5.30 8.29 0.17
CA PRO A 218 -6.31 8.53 -0.88
C PRO A 218 -7.57 9.21 -0.37
N LEU A 219 -8.03 8.85 0.85
CA LEU A 219 -9.22 9.50 1.40
C LEU A 219 -8.99 10.98 1.67
N VAL A 220 -7.89 11.31 2.37
CA VAL A 220 -7.60 12.70 2.75
C VAL A 220 -7.27 13.54 1.51
N MET A 221 -6.55 12.97 0.52
CA MET A 221 -6.28 13.71 -0.72
C MET A 221 -7.57 14.05 -1.44
N GLY A 222 -8.54 13.10 -1.47
CA GLY A 222 -9.84 13.36 -2.09
C GLY A 222 -10.53 14.53 -1.42
N LEU A 223 -10.41 14.61 -0.07
CA LEU A 223 -10.98 15.74 0.67
C LEU A 223 -10.25 17.05 0.34
N LEU A 224 -8.90 17.04 0.30
CA LEU A 224 -8.10 18.22 0.00
C LEU A 224 -8.37 18.79 -1.39
N VAL A 225 -8.41 17.94 -2.44
CA VAL A 225 -8.67 18.49 -3.79
C VAL A 225 -10.12 19.04 -3.89
N SER A 226 -11.05 18.50 -3.07
CA SER A 226 -12.46 18.96 -3.05
C SER A 226 -12.67 20.16 -2.10
N GLU A 227 -11.60 20.60 -1.39
CA GLU A 227 -11.67 21.68 -0.37
C GLU A 227 -12.77 21.35 0.65
N ALA A 228 -12.78 20.07 1.07
CA ALA A 228 -13.83 19.53 1.93
C ALA A 228 -13.34 18.97 3.24
N ALA A 229 -12.05 19.21 3.59
CA ALA A 229 -11.49 18.70 4.86
C ALA A 229 -12.27 19.16 6.11
N ALA A 230 -12.82 20.39 6.11
CA ALA A 230 -13.60 20.88 7.26
C ALA A 230 -14.97 20.19 7.40
N SER A 231 -15.44 19.50 6.35
CA SER A 231 -16.70 18.74 6.35
C SER A 231 -16.55 17.38 7.07
N VAL A 232 -15.33 17.02 7.53
CA VAL A 232 -15.07 15.74 8.21
C VAL A 232 -14.34 15.87 9.53
N GLU A 233 -14.49 14.86 10.39
CA GLU A 233 -13.78 14.73 11.65
C GLU A 233 -12.51 13.90 11.31
N MET A 234 -11.32 14.53 11.18
CA MET A 234 -10.07 13.87 10.80
C MET A 234 -9.70 12.64 11.64
N ASN A 235 -9.98 12.65 12.95
CA ASN A 235 -9.72 11.50 13.83
C ASN A 235 -10.54 10.24 13.40
N LEU A 236 -11.78 10.45 12.90
CA LEU A 236 -12.62 9.33 12.42
C LEU A 236 -12.05 8.79 11.13
N VAL A 237 -11.55 9.69 10.25
CA VAL A 237 -10.95 9.26 8.99
C VAL A 237 -9.74 8.37 9.31
N GLU A 238 -8.89 8.79 10.25
CA GLU A 238 -7.69 8.02 10.62
C GLU A 238 -8.10 6.67 11.21
N ARG A 239 -9.10 6.67 12.12
CA ARG A 239 -9.54 5.44 12.77
C ARG A 239 -10.13 4.43 11.79
N VAL A 240 -10.96 4.91 10.83
CA VAL A 240 -11.57 4.00 9.87
C VAL A 240 -10.50 3.49 8.88
N ALA A 241 -9.51 4.34 8.53
CA ALA A 241 -8.40 3.94 7.67
C ALA A 241 -7.58 2.81 8.37
N HIS A 242 -7.22 2.98 9.68
CA HIS A 242 -6.48 1.97 10.47
C HIS A 242 -7.17 0.62 10.41
N LEU A 243 -8.49 0.61 10.60
CA LEU A 243 -9.29 -0.60 10.61
C LEU A 243 -9.35 -1.33 9.28
N ILE A 244 -9.75 -0.64 8.18
CA ILE A 244 -9.84 -1.28 6.86
C ILE A 244 -8.45 -1.76 6.38
N GLY A 245 -7.43 -0.95 6.62
CA GLY A 245 -6.04 -1.24 6.26
C GLY A 245 -5.55 -2.50 6.94
N GLU A 246 -5.84 -2.65 8.23
CA GLU A 246 -5.46 -3.85 8.97
C GLU A 246 -6.13 -5.10 8.34
N TYR A 247 -7.43 -4.98 8.01
CA TYR A 247 -8.21 -6.08 7.45
C TYR A 247 -7.64 -6.47 6.08
N PHE A 248 -7.27 -5.46 5.24
CA PHE A 248 -6.69 -5.69 3.92
C PHE A 248 -5.41 -6.53 4.05
N GLN A 249 -4.51 -6.17 5.00
CA GLN A 249 -3.27 -6.91 5.23
C GLN A 249 -3.52 -8.33 5.72
N VAL A 250 -4.50 -8.52 6.62
CA VAL A 250 -4.82 -9.86 7.13
C VAL A 250 -5.21 -10.77 5.95
N GLN A 251 -5.97 -10.24 4.98
CA GLN A 251 -6.37 -10.95 3.76
C GLN A 251 -5.14 -11.32 2.92
N ASP A 252 -4.24 -10.35 2.68
CA ASP A 252 -3.00 -10.55 1.95
C ASP A 252 -2.16 -11.64 2.64
N ASP A 253 -2.05 -11.60 3.99
CA ASP A 253 -1.31 -12.61 4.78
C ASP A 253 -1.89 -14.01 4.62
N VAL A 254 -3.22 -14.12 4.70
CA VAL A 254 -3.88 -15.42 4.53
C VAL A 254 -3.61 -15.95 3.10
N MET A 255 -3.79 -15.08 2.08
CA MET A 255 -3.57 -15.44 0.66
C MET A 255 -2.13 -15.87 0.35
N ASP A 256 -1.13 -15.29 1.03
CA ASP A 256 0.29 -15.64 0.80
C ASP A 256 0.54 -17.13 0.98
N CYS A 257 -0.10 -17.73 1.98
CA CYS A 257 0.04 -19.13 2.30
C CYS A 257 -0.95 -20.05 1.58
N PHE A 258 -2.23 -19.64 1.46
CA PHE A 258 -3.27 -20.55 0.95
C PHE A 258 -3.74 -20.36 -0.51
N THR A 259 -3.62 -19.16 -1.09
CA THR A 259 -4.07 -18.85 -2.47
C THR A 259 -3.08 -19.38 -3.53
N PRO A 260 -3.59 -20.02 -4.63
CA PRO A 260 -2.69 -20.52 -5.68
C PRO A 260 -1.78 -19.45 -6.29
N PRO A 261 -0.48 -19.77 -6.55
CA PRO A 261 0.46 -18.76 -7.10
C PRO A 261 -0.04 -17.99 -8.33
N GLU A 262 -0.75 -18.67 -9.26
CA GLU A 262 -1.31 -18.07 -10.48
C GLU A 262 -2.40 -17.03 -10.18
N GLN A 263 -3.13 -17.18 -9.05
CA GLN A 263 -4.18 -16.26 -8.62
C GLN A 263 -3.59 -15.08 -7.84
N LEU A 264 -2.56 -15.34 -7.00
CA LEU A 264 -1.86 -14.35 -6.19
C LEU A 264 -0.93 -13.46 -7.03
N GLY A 265 -0.32 -14.06 -8.06
CA GLY A 265 0.60 -13.36 -8.96
C GLY A 265 2.07 -13.51 -8.58
N LYS A 266 2.37 -14.46 -7.67
CA LYS A 266 3.71 -14.78 -7.16
C LYS A 266 3.66 -16.03 -6.30
N VAL A 267 4.83 -16.62 -6.00
CA VAL A 267 4.91 -17.74 -5.09
C VAL A 267 5.10 -17.07 -3.69
N GLY A 268 4.20 -17.39 -2.76
CA GLY A 268 4.25 -16.82 -1.41
C GLY A 268 5.47 -17.31 -0.64
N THR A 269 6.19 -16.37 0.01
CA THR A 269 7.41 -16.69 0.76
C THR A 269 7.41 -16.22 2.23
N ASP A 270 6.23 -15.83 2.78
CA ASP A 270 6.15 -15.33 4.17
C ASP A 270 6.77 -16.27 5.20
N ILE A 271 6.50 -17.56 5.06
CA ILE A 271 7.02 -18.61 5.95
C ILE A 271 8.56 -18.67 5.88
N GLU A 272 9.14 -18.77 4.65
CA GLU A 272 10.58 -18.85 4.41
C GLU A 272 11.28 -17.59 4.93
N ASP A 273 10.63 -16.41 4.74
CA ASP A 273 11.12 -15.08 5.13
C ASP A 273 10.92 -14.76 6.60
N ALA A 274 10.30 -15.68 7.36
CA ALA A 274 10.04 -15.54 8.81
C ALA A 274 9.21 -14.28 9.10
N LYS A 275 8.28 -13.94 8.19
CA LYS A 275 7.44 -12.75 8.33
C LYS A 275 6.50 -12.79 9.53
N CYS A 276 6.23 -11.60 10.11
CA CYS A 276 5.29 -11.52 11.23
C CYS A 276 3.92 -11.35 10.58
N SER A 277 3.35 -12.46 10.13
CA SER A 277 2.07 -12.50 9.45
C SER A 277 0.94 -12.75 10.43
N TRP A 278 -0.30 -12.41 10.02
CA TRP A 278 -1.49 -12.68 10.81
C TRP A 278 -1.60 -14.18 11.12
N LEU A 279 -1.23 -15.03 10.15
CA LEU A 279 -1.28 -16.49 10.36
C LEU A 279 -0.35 -16.91 11.50
N ALA A 280 0.90 -16.40 11.53
CA ALA A 280 1.88 -16.74 12.56
C ALA A 280 1.43 -16.23 13.93
N VAL A 281 0.98 -14.96 13.99
CA VAL A 281 0.52 -14.35 15.22
C VAL A 281 -0.71 -15.09 15.78
N THR A 282 -1.69 -15.41 14.90
CA THR A 282 -2.92 -16.09 15.33
C THR A 282 -2.65 -17.53 15.77
N PHE A 283 -1.79 -18.25 15.03
CA PHE A 283 -1.42 -19.62 15.36
C PHE A 283 -0.74 -19.65 16.75
N LEU A 284 0.22 -18.73 17.00
CA LEU A 284 0.91 -18.64 18.30
C LEU A 284 -0.05 -18.25 19.44
N GLY A 285 -1.15 -17.59 19.09
CA GLY A 285 -2.19 -17.19 20.04
C GLY A 285 -3.13 -18.31 20.44
N LYS A 286 -3.00 -19.52 19.84
CA LYS A 286 -3.91 -20.61 20.19
C LYS A 286 -3.28 -22.01 20.25
N ALA A 287 -2.04 -22.14 19.76
CA ALA A 287 -1.36 -23.44 19.72
C ALA A 287 -0.97 -23.98 21.10
N ASN A 288 -0.86 -25.32 21.22
CA ASN A 288 -0.42 -25.91 22.49
C ASN A 288 1.12 -25.92 22.47
N ALA A 289 1.76 -26.30 23.59
CA ALA A 289 3.23 -26.31 23.72
C ALA A 289 3.94 -27.13 22.63
N ALA A 290 3.40 -28.30 22.26
CA ALA A 290 3.98 -29.16 21.21
C ALA A 290 3.90 -28.52 19.83
N GLN A 291 2.75 -27.89 19.49
CA GLN A 291 2.59 -27.21 18.20
C GLN A 291 3.51 -25.98 18.10
N VAL A 292 3.67 -25.24 19.23
CA VAL A 292 4.57 -24.08 19.30
C VAL A 292 6.02 -24.53 19.03
N ALA A 293 6.47 -25.62 19.68
CA ALA A 293 7.83 -26.15 19.48
C ALA A 293 8.06 -26.56 18.02
N GLU A 294 7.07 -27.24 17.41
CA GLU A 294 7.13 -27.68 16.01
C GLU A 294 7.21 -26.46 15.08
N PHE A 295 6.44 -25.39 15.39
CA PHE A 295 6.46 -24.17 14.59
C PHE A 295 7.88 -23.58 14.61
N LYS A 296 8.46 -23.44 15.81
CA LYS A 296 9.81 -22.89 16.03
C LYS A 296 10.93 -23.65 15.29
N ALA A 297 10.83 -24.98 15.19
CA ALA A 297 11.85 -25.79 14.50
C ALA A 297 11.75 -25.72 12.96
N ASN A 298 10.64 -25.17 12.42
CA ASN A 298 10.37 -25.13 10.98
C ASN A 298 10.23 -23.73 10.36
N TYR A 299 9.89 -22.70 11.16
CA TYR A 299 9.66 -21.36 10.61
C TYR A 299 10.94 -20.63 10.17
N GLY A 300 10.84 -19.86 9.08
CA GLY A 300 11.91 -19.03 8.56
C GLY A 300 13.05 -19.72 7.86
N GLU A 301 12.79 -20.86 7.22
CA GLU A 301 13.80 -21.64 6.49
C GLU A 301 13.31 -21.95 5.08
N LYS A 302 14.21 -21.79 4.08
CA LYS A 302 13.89 -22.03 2.67
C LYS A 302 13.44 -23.47 2.36
N ASP A 303 13.96 -24.46 3.13
CA ASP A 303 13.65 -25.89 3.00
C ASP A 303 12.15 -26.13 2.72
N PRO A 304 11.78 -26.72 1.55
CA PRO A 304 10.36 -26.96 1.23
C PRO A 304 9.62 -27.88 2.21
N ALA A 305 10.30 -28.90 2.76
CA ALA A 305 9.70 -29.83 3.73
C ALA A 305 9.37 -29.12 5.05
N LYS A 306 10.22 -28.15 5.48
CA LYS A 306 10.01 -27.37 6.70
C LYS A 306 8.84 -26.40 6.52
N VAL A 307 8.73 -25.81 5.30
CA VAL A 307 7.64 -24.90 4.92
C VAL A 307 6.30 -25.67 4.95
N ALA A 308 6.32 -26.95 4.52
CA ALA A 308 5.15 -27.85 4.48
C ALA A 308 4.62 -28.17 5.88
N VAL A 309 5.51 -28.22 6.90
CA VAL A 309 5.13 -28.48 8.30
C VAL A 309 4.31 -27.28 8.82
N VAL A 310 4.77 -26.05 8.51
CA VAL A 310 4.11 -24.79 8.92
C VAL A 310 2.72 -24.70 8.27
N LYS A 311 2.64 -24.97 6.94
CA LYS A 311 1.38 -24.97 6.19
C LYS A 311 0.41 -26.01 6.75
N ARG A 312 0.95 -27.13 7.29
CA ARG A 312 0.14 -28.22 7.89
C ARG A 312 -0.38 -27.78 9.28
N LEU A 313 0.53 -27.17 10.09
CA LEU A 313 0.22 -26.65 11.42
C LEU A 313 -0.91 -25.60 11.35
N TYR A 314 -0.85 -24.69 10.34
CA TYR A 314 -1.88 -23.65 10.12
C TYR A 314 -3.23 -24.27 9.78
N SER A 315 -3.26 -25.20 8.80
CA SER A 315 -4.47 -25.93 8.37
C SER A 315 -5.14 -26.68 9.52
N LYS A 316 -4.33 -27.36 10.38
CA LYS A 316 -4.81 -28.12 11.54
C LYS A 316 -5.33 -27.19 12.66
N ALA A 317 -4.77 -25.97 12.79
CA ALA A 317 -5.12 -24.98 13.81
C ALA A 317 -6.51 -24.34 13.64
N ASN A 318 -7.16 -24.60 12.49
CA ASN A 318 -8.47 -24.07 12.13
C ASN A 318 -8.49 -22.53 12.25
N LEU A 319 -7.54 -21.89 11.54
CA LEU A 319 -7.42 -20.43 11.52
C LEU A 319 -8.52 -19.79 10.68
N GLN A 320 -9.30 -20.62 9.93
CA GLN A 320 -10.46 -20.20 9.14
C GLN A 320 -11.53 -19.65 10.09
N ALA A 321 -11.65 -20.25 11.30
CA ALA A 321 -12.58 -19.83 12.35
C ALA A 321 -12.14 -18.51 12.99
N ASP A 322 -10.82 -18.32 13.27
CA ASP A 322 -10.31 -17.07 13.85
C ASP A 322 -10.52 -15.94 12.84
N PHE A 323 -10.30 -16.22 11.53
CA PHE A 323 -10.51 -15.21 10.48
C PHE A 323 -11.97 -14.75 10.46
N ALA A 324 -12.92 -15.70 10.55
CA ALA A 324 -14.36 -15.41 10.58
C ALA A 324 -14.74 -14.50 11.77
N ALA A 325 -14.19 -14.79 12.96
CA ALA A 325 -14.43 -14.00 14.18
C ALA A 325 -13.74 -12.63 14.07
N TYR A 326 -12.57 -12.57 13.40
CA TYR A 326 -11.86 -11.32 13.20
C TYR A 326 -12.69 -10.43 12.24
N GLU A 327 -13.10 -11.00 11.09
CA GLU A 327 -13.90 -10.34 10.06
C GLU A 327 -15.22 -9.77 10.62
N ALA A 328 -15.92 -10.55 11.48
CA ALA A 328 -17.17 -10.11 12.12
C ALA A 328 -16.93 -8.88 12.98
N GLU A 329 -15.81 -8.87 13.73
CA GLU A 329 -15.44 -7.76 14.62
C GLU A 329 -15.11 -6.49 13.80
N VAL A 330 -14.35 -6.65 12.71
CA VAL A 330 -14.00 -5.52 11.82
C VAL A 330 -15.28 -4.92 11.20
N VAL A 331 -16.21 -5.76 10.72
CA VAL A 331 -17.50 -5.34 10.16
C VAL A 331 -18.24 -4.45 11.17
N ARG A 332 -18.31 -4.85 12.46
CA ARG A 332 -18.97 -4.06 13.51
C ARG A 332 -18.34 -2.68 13.67
N GLU A 333 -17.02 -2.62 13.79
CA GLU A 333 -16.30 -1.38 14.03
C GLU A 333 -16.32 -0.48 12.80
N VAL A 334 -16.17 -1.05 11.58
CA VAL A 334 -16.19 -0.26 10.33
C VAL A 334 -17.59 0.36 10.16
N GLU A 335 -18.64 -0.44 10.35
CA GLU A 335 -20.01 0.08 10.27
C GLU A 335 -20.26 1.19 11.30
N SER A 336 -19.71 1.05 12.54
CA SER A 336 -19.86 2.05 13.60
C SER A 336 -19.19 3.37 13.20
N LEU A 337 -17.97 3.29 12.64
CA LEU A 337 -17.25 4.48 12.17
C LEU A 337 -17.97 5.13 10.99
N ILE A 338 -18.51 4.31 10.05
CA ILE A 338 -19.28 4.85 8.92
C ILE A 338 -20.50 5.65 9.45
N GLU A 339 -21.19 5.11 10.49
CA GLU A 339 -22.33 5.78 11.11
C GLU A 339 -21.91 7.15 11.69
N GLN A 340 -20.73 7.21 12.35
CA GLN A 340 -20.21 8.43 12.97
C GLN A 340 -19.84 9.46 11.91
N LEU A 341 -19.30 9.01 10.78
CA LEU A 341 -18.95 9.84 9.64
C LEU A 341 -20.19 10.52 9.01
N LYS A 342 -21.37 9.86 9.12
CA LYS A 342 -22.62 10.42 8.60
C LYS A 342 -23.05 11.73 9.29
N VAL A 343 -22.59 11.97 10.55
CA VAL A 343 -22.95 13.17 11.33
C VAL A 343 -22.59 14.46 10.58
N LYS A 344 -21.32 14.57 10.14
CA LYS A 344 -20.83 15.73 9.41
C LYS A 344 -20.92 15.56 7.89
N SER A 345 -20.71 14.33 7.35
CA SER A 345 -20.73 14.12 5.88
C SER A 345 -21.28 12.78 5.40
N PRO A 346 -22.59 12.73 5.08
CA PRO A 346 -23.17 11.47 4.53
C PRO A 346 -22.54 11.10 3.19
N THR A 347 -22.07 12.10 2.44
CA THR A 347 -21.39 11.89 1.17
C THR A 347 -20.04 11.19 1.39
N PHE A 348 -19.22 11.69 2.32
CA PHE A 348 -17.93 11.06 2.59
C PHE A 348 -18.12 9.66 3.19
N ALA A 349 -19.15 9.47 4.06
CA ALA A 349 -19.44 8.17 4.66
C ALA A 349 -19.71 7.11 3.58
N GLU A 350 -20.40 7.51 2.48
CA GLU A 350 -20.68 6.63 1.36
C GLU A 350 -19.40 6.24 0.62
N SER A 351 -18.48 7.20 0.44
CA SER A 351 -17.18 6.93 -0.20
C SER A 351 -16.39 5.91 0.64
N VAL A 352 -16.48 6.00 1.99
CA VAL A 352 -15.83 5.02 2.90
C VAL A 352 -16.49 3.65 2.77
N ALA A 353 -17.83 3.63 2.68
CA ALA A 353 -18.57 2.38 2.48
C ALA A 353 -18.12 1.67 1.19
N VAL A 354 -17.89 2.44 0.10
CA VAL A 354 -17.41 1.92 -1.19
C VAL A 354 -16.01 1.29 -1.01
N VAL A 355 -15.10 2.03 -0.34
CA VAL A 355 -13.75 1.59 -0.04
C VAL A 355 -13.82 0.27 0.75
N TRP A 356 -14.70 0.19 1.77
CA TRP A 356 -14.89 -1.03 2.56
C TRP A 356 -15.38 -2.20 1.70
N GLU A 357 -16.40 -1.97 0.87
CA GLU A 357 -16.98 -2.97 -0.05
C GLU A 357 -15.90 -3.53 -0.99
N LYS A 358 -15.04 -2.64 -1.55
CA LYS A 358 -13.95 -3.01 -2.44
C LYS A 358 -12.88 -3.84 -1.72
N THR A 359 -12.73 -3.65 -0.40
CA THR A 359 -11.76 -4.41 0.39
C THR A 359 -12.32 -5.78 0.81
N HIS A 360 -13.59 -5.79 1.29
CA HIS A 360 -14.32 -6.95 1.80
C HIS A 360 -14.55 -8.04 0.74
#